data_9E9B
#
_entry.id   9E9B
#
_cell.length_a   176.025
_cell.length_b   176.025
_cell.length_c   100.144
_cell.angle_alpha   90.000
_cell.angle_beta   90.000
_cell.angle_gamma   120.000
#
_symmetry.space_group_name_H-M   'P 64 2 2'
#
loop_
_entity.id
_entity.type
_entity.pdbx_description
1 polymer '2-succinyl-5-enolpyruvyl-6-hydroxy-3-cyclohexene-1-carboxylate synthase'
2 non-polymer 'THIAMINE DIPHOSPHATE'
3 non-polymer 'MAGNESIUM ION'
4 water water
#
_entity_poly.entity_id   1
_entity_poly.type   'polypeptide(L)'
_entity_poly.pdbx_seq_one_letter_code
;GAMVTNHEQVLTDYLAAFIEELVQAGVKEAIISPGSRSTPLALMMAEHPILKIYVDVDERSAGFFALGLAKASKRPVVLL
CTSGTAAANYFPAVAEANLSQIPLIVLTADRPHELRNVGAPQAMDQLHLYGSHVKDFTDMALPENSEEMLRYAKWHGSRA
VDIAMKTPRGPVHLNFPLREPLVPILEPSPFTATGKKHHHVHIYYTHEVLDDSSIQKMVTECTGKKGVFVVGPIDKKELE
QPMVDLAKKLGWPILADPLSGLRSYGALDEVVIDQYDAFLKEAEILDKLTPEVVIRFGSMPVSKPLKNWLEQLSDIRFYV
VDPGAAWKDPIKAVTDMIHCDERFLLDIMQQNMPDDAKDAAWLSRWTSYNKVAREIVLAEMANTTILEEGKIVAELRRLL
PDKAGLFIGNSMPIRDVDTYFSQIDKKIKMLANRGANGIDGVVSSALGASVVFQPMFLLIGDLSFYHDMNGLLMAKKYKM
NLTIVIVNNDGGGIFSFLPQANEPKYFESLFGTSTELDFRFAAAFYDADYHEAKSVDELEEAIDKASYHKGLDIIEVKTN
RHENKANHQALWAKIADALKALN
;
_entity_poly.pdbx_strand_id   A
#
# COMPACT_ATOMS: atom_id res chain seq x y z
N THR A 5 15.94 -20.50 -37.78
CA THR A 5 16.46 -21.23 -36.62
C THR A 5 17.52 -20.40 -35.89
N ASN A 6 18.45 -19.82 -36.66
CA ASN A 6 19.47 -18.98 -36.06
C ASN A 6 18.84 -17.75 -35.40
N HIS A 7 17.81 -17.18 -36.03
CA HIS A 7 17.09 -16.07 -35.41
C HIS A 7 16.41 -16.49 -34.12
N GLU A 8 15.75 -17.65 -34.12
CA GLU A 8 15.06 -18.11 -32.91
C GLU A 8 16.05 -18.45 -31.80
N GLN A 9 17.23 -18.98 -32.17
CA GLN A 9 18.21 -19.32 -31.15
C GLN A 9 18.82 -18.07 -30.53
N VAL A 10 19.03 -17.03 -31.34
CA VAL A 10 19.48 -15.76 -30.79
C VAL A 10 18.44 -15.19 -29.84
N LEU A 11 17.17 -15.22 -30.25
CA LEU A 11 16.10 -14.72 -29.39
C LEU A 11 16.02 -15.50 -28.08
N THR A 12 16.32 -16.80 -28.12
CA THR A 12 16.23 -17.63 -26.92
C THR A 12 17.38 -17.35 -25.96
N ASP A 13 18.60 -17.28 -26.48
CA ASP A 13 19.77 -17.01 -25.64
C ASP A 13 19.67 -15.63 -25.00
N TYR A 14 19.21 -14.63 -25.77
CA TYR A 14 19.15 -13.27 -25.28
C TYR A 14 18.20 -13.15 -24.09
N LEU A 15 16.98 -13.66 -24.23
CA LEU A 15 16.01 -13.52 -23.16
C LEU A 15 16.27 -14.48 -22.00
N ALA A 16 16.88 -15.64 -22.27
CA ALA A 16 17.15 -16.58 -21.19
C ALA A 16 18.16 -16.01 -20.20
N ALA A 17 19.18 -15.32 -20.71
CA ALA A 17 20.16 -14.69 -19.83
C ALA A 17 19.52 -13.58 -19.01
N PHE A 18 18.51 -12.90 -19.55
CA PHE A 18 17.85 -11.83 -18.84
C PHE A 18 16.86 -12.36 -17.80
N ILE A 19 16.09 -13.38 -18.17
CA ILE A 19 15.05 -13.90 -17.28
C ILE A 19 15.67 -14.67 -16.12
N GLU A 20 16.70 -15.48 -16.39
CA GLU A 20 17.37 -16.20 -15.32
C GLU A 20 17.97 -15.24 -14.30
N GLU A 21 18.48 -14.10 -14.75
CA GLU A 21 19.07 -13.14 -13.82
C GLU A 21 18.00 -12.46 -12.98
N LEU A 22 16.80 -12.27 -13.53
CA LEU A 22 15.70 -11.74 -12.71
C LEU A 22 15.35 -12.70 -11.59
N VAL A 23 15.30 -14.00 -11.88
CA VAL A 23 14.96 -14.99 -10.86
C VAL A 23 16.05 -15.03 -9.80
N GLN A 24 17.31 -15.08 -10.22
CA GLN A 24 18.42 -15.13 -9.26
C GLN A 24 18.52 -13.85 -8.44
N ALA A 25 17.94 -12.74 -8.92
CA ALA A 25 17.94 -11.51 -8.14
C ALA A 25 16.80 -11.44 -7.14
N GLY A 26 15.91 -12.41 -7.12
CA GLY A 26 14.84 -12.46 -6.13
C GLY A 26 13.44 -12.38 -6.70
N VAL A 27 13.26 -12.38 -8.02
CA VAL A 27 11.93 -12.33 -8.60
C VAL A 27 11.34 -13.74 -8.59
N LYS A 28 10.17 -13.89 -7.99
CA LYS A 28 9.48 -15.16 -7.91
C LYS A 28 8.17 -15.20 -8.67
N GLU A 29 7.53 -14.05 -8.88
CA GLU A 29 6.25 -14.00 -9.57
C GLU A 29 6.32 -13.04 -10.75
N ALA A 30 5.55 -13.34 -11.79
CA ALA A 30 5.45 -12.51 -12.98
C ALA A 30 3.98 -12.44 -13.39
N ILE A 31 3.43 -11.23 -13.47
CA ILE A 31 2.05 -11.02 -13.91
C ILE A 31 2.09 -10.66 -15.39
N ILE A 32 1.48 -11.51 -16.22
CA ILE A 32 1.61 -11.42 -17.67
C ILE A 32 0.24 -11.09 -18.26
N SER A 33 0.24 -10.22 -19.28
CA SER A 33 -0.95 -9.96 -20.07
C SER A 33 -0.78 -10.50 -21.47
N PRO A 34 -1.85 -11.08 -22.05
CA PRO A 34 -1.71 -11.76 -23.34
C PRO A 34 -1.41 -10.78 -24.47
N GLY A 35 -0.59 -11.24 -25.40
CA GLY A 35 -0.26 -10.42 -26.56
C GLY A 35 0.63 -11.20 -27.50
N SER A 36 0.67 -10.73 -28.75
CA SER A 36 1.46 -11.38 -29.78
C SER A 36 2.91 -10.91 -29.79
N ARG A 37 3.15 -9.62 -29.53
CA ARG A 37 4.51 -9.11 -29.55
C ARG A 37 5.30 -9.52 -28.31
N SER A 38 4.62 -9.76 -27.20
CA SER A 38 5.24 -10.21 -25.96
C SER A 38 5.41 -11.73 -25.91
N THR A 39 5.21 -12.41 -27.03
CA THR A 39 5.26 -13.87 -27.06
C THR A 39 6.57 -14.44 -26.55
N PRO A 40 7.75 -13.98 -26.97
CA PRO A 40 8.97 -14.65 -26.49
C PRO A 40 9.23 -14.44 -25.01
N LEU A 41 8.91 -13.27 -24.46
CA LEU A 41 9.09 -13.08 -23.03
C LEU A 41 8.07 -13.87 -22.21
N ALA A 42 6.84 -13.97 -22.72
CA ALA A 42 5.81 -14.68 -21.96
C ALA A 42 6.06 -16.18 -21.94
N LEU A 43 6.46 -16.75 -23.08
CA LEU A 43 6.66 -18.20 -23.13
C LEU A 43 7.84 -18.64 -22.28
N MET A 44 8.90 -17.83 -22.24
CA MET A 44 10.10 -18.23 -21.53
C MET A 44 9.96 -18.09 -20.02
N MET A 45 9.21 -17.09 -19.56
CA MET A 45 8.95 -16.98 -18.12
C MET A 45 8.01 -18.09 -17.66
N ALA A 46 7.08 -18.53 -18.51
CA ALA A 46 6.27 -19.70 -18.18
C ALA A 46 7.13 -20.96 -18.20
N GLU A 47 8.10 -21.02 -19.09
CA GLU A 47 8.95 -22.21 -19.17
C GLU A 47 9.89 -22.29 -17.97
N HIS A 48 10.17 -21.16 -17.34
CA HIS A 48 11.11 -21.16 -16.22
C HIS A 48 10.51 -21.94 -15.06
N PRO A 49 11.25 -22.89 -14.48
CA PRO A 49 10.67 -23.78 -13.46
C PRO A 49 10.47 -23.13 -12.11
N ILE A 50 11.10 -21.98 -11.86
CA ILE A 50 10.95 -21.27 -10.60
C ILE A 50 9.96 -20.11 -10.69
N LEU A 51 9.85 -19.42 -11.83
CA LEU A 51 8.99 -18.25 -11.90
C LEU A 51 7.53 -18.65 -11.95
N LYS A 52 6.74 -18.16 -11.00
CA LYS A 52 5.30 -18.37 -10.97
C LYS A 52 4.58 -17.31 -11.79
N ILE A 53 3.62 -17.75 -12.61
CA ILE A 53 2.96 -16.89 -13.60
C ILE A 53 1.51 -16.67 -13.20
N TYR A 54 1.06 -15.41 -13.30
CA TYR A 54 -0.35 -15.06 -13.20
C TYR A 54 -0.74 -14.30 -14.45
N VAL A 55 -1.75 -14.78 -15.18
CA VAL A 55 -2.17 -14.18 -16.44
C VAL A 55 -3.42 -13.34 -16.18
N ASP A 56 -3.31 -12.04 -16.45
CA ASP A 56 -4.41 -11.09 -16.30
C ASP A 56 -4.62 -10.35 -17.62
N VAL A 57 -5.84 -10.42 -18.15
CA VAL A 57 -6.11 -9.82 -19.45
C VAL A 57 -6.40 -8.32 -19.36
N ASP A 58 -6.75 -7.81 -18.18
CA ASP A 58 -6.88 -6.37 -17.98
C ASP A 58 -5.54 -5.84 -17.48
N GLU A 59 -4.84 -5.08 -18.33
CA GLU A 59 -3.52 -4.58 -17.96
C GLU A 59 -3.58 -3.63 -16.78
N ARG A 60 -4.64 -2.83 -16.67
CA ARG A 60 -4.78 -1.95 -15.51
C ARG A 60 -4.91 -2.76 -14.24
N SER A 61 -5.76 -3.79 -14.27
CA SER A 61 -5.91 -4.68 -13.13
C SER A 61 -4.64 -5.47 -12.86
N ALA A 62 -3.92 -5.84 -13.92
CA ALA A 62 -2.69 -6.60 -13.75
C ALA A 62 -1.63 -5.79 -13.03
N GLY A 63 -1.52 -4.50 -13.36
CA GLY A 63 -0.55 -3.65 -12.69
C GLY A 63 -0.80 -3.54 -11.20
N PHE A 64 -2.06 -3.30 -10.81
CA PHE A 64 -2.38 -3.17 -9.39
C PHE A 64 -2.29 -4.52 -8.68
N PHE A 65 -2.56 -5.61 -9.40
CA PHE A 65 -2.38 -6.94 -8.82
C PHE A 65 -0.93 -7.17 -8.43
N ALA A 66 -0.01 -6.90 -9.36
CA ALA A 66 1.40 -7.02 -9.04
C ALA A 66 1.82 -6.02 -7.96
N LEU A 67 1.19 -4.85 -7.96
CA LEU A 67 1.49 -3.84 -6.95
C LEU A 67 1.16 -4.35 -5.55
N GLY A 68 -0.02 -4.95 -5.39
CA GLY A 68 -0.39 -5.48 -4.09
C GLY A 68 0.50 -6.63 -3.67
N LEU A 69 0.85 -7.50 -4.61
CA LEU A 69 1.72 -8.63 -4.29
C LEU A 69 3.09 -8.16 -3.83
N ALA A 70 3.65 -7.15 -4.49
CA ALA A 70 4.94 -6.62 -4.07
C ALA A 70 4.80 -5.85 -2.75
N LYS A 71 3.71 -5.09 -2.60
CA LYS A 71 3.48 -4.35 -1.36
C LYS A 71 3.30 -5.27 -0.16
N ALA A 72 2.86 -6.51 -0.37
CA ALA A 72 2.61 -7.42 0.73
C ALA A 72 3.77 -8.34 1.04
N SER A 73 4.60 -8.64 0.05
CA SER A 73 5.71 -9.59 0.21
C SER A 73 7.07 -8.92 0.26
N LYS A 74 7.16 -7.62 0.02
CA LYS A 74 8.44 -6.91 -0.05
C LYS A 74 9.36 -7.53 -1.10
N ARG A 75 8.77 -8.14 -2.11
CA ARG A 75 9.47 -8.85 -3.17
C ARG A 75 9.32 -8.10 -4.49
N PRO A 76 10.35 -8.09 -5.34
CA PRO A 76 10.22 -7.44 -6.64
C PRO A 76 9.39 -8.29 -7.60
N VAL A 77 8.33 -7.69 -8.14
CA VAL A 77 7.38 -8.40 -8.98
C VAL A 77 7.48 -7.87 -10.41
N VAL A 78 7.50 -8.80 -11.37
CA VAL A 78 7.63 -8.51 -12.79
C VAL A 78 6.25 -8.32 -13.42
N LEU A 79 6.11 -7.30 -14.25
CA LEU A 79 4.95 -7.11 -15.12
C LEU A 79 5.36 -7.25 -16.57
N LEU A 80 4.52 -7.93 -17.35
CA LEU A 80 4.76 -8.08 -18.79
C LEU A 80 3.47 -7.79 -19.55
N CYS A 81 3.57 -6.96 -20.58
CA CYS A 81 2.46 -6.70 -21.48
C CYS A 81 2.99 -6.58 -22.90
N THR A 82 2.08 -6.54 -23.86
CA THR A 82 2.45 -6.42 -25.26
C THR A 82 2.57 -4.94 -25.64
N SER A 83 3.02 -4.69 -26.87
CA SER A 83 3.16 -3.33 -27.35
C SER A 83 1.80 -2.67 -27.54
N GLY A 84 1.78 -1.35 -27.48
CA GLY A 84 0.55 -0.60 -27.68
C GLY A 84 -0.05 -0.10 -26.39
N THR A 85 -1.35 0.19 -26.46
CA THR A 85 -2.06 0.78 -25.33
C THR A 85 -2.04 -0.11 -24.10
N ALA A 86 -1.74 -1.41 -24.26
CA ALA A 86 -1.61 -2.28 -23.10
C ALA A 86 -0.62 -1.74 -22.10
N ALA A 87 0.50 -1.17 -22.59
CA ALA A 87 1.49 -0.57 -21.70
C ALA A 87 1.01 0.74 -21.10
N ALA A 88 0.07 1.43 -21.75
CA ALA A 88 -0.47 2.66 -21.18
C ALA A 88 -1.34 2.38 -19.97
N ASN A 89 -1.96 1.19 -19.91
CA ASN A 89 -2.80 0.81 -18.78
C ASN A 89 -2.00 0.57 -17.51
N TYR A 90 -0.68 0.44 -17.62
CA TYR A 90 0.16 0.29 -16.44
C TYR A 90 0.36 1.60 -15.69
N PHE A 91 0.06 2.74 -16.32
CA PHE A 91 0.44 4.02 -15.74
C PHE A 91 -0.15 4.26 -14.35
N PRO A 92 -1.43 3.96 -14.07
CA PRO A 92 -1.92 4.18 -12.70
C PRO A 92 -1.17 3.39 -11.65
N ALA A 93 -0.90 2.11 -11.90
CA ALA A 93 -0.16 1.32 -10.91
C ALA A 93 1.29 1.77 -10.81
N VAL A 94 1.89 2.22 -11.92
CA VAL A 94 3.28 2.66 -11.87
C VAL A 94 3.42 3.94 -11.07
N ALA A 95 2.50 4.89 -11.28
CA ALA A 95 2.51 6.13 -10.51
C ALA A 95 2.29 5.85 -9.03
N GLU A 96 1.40 4.90 -8.71
CA GLU A 96 1.15 4.54 -7.32
C GLU A 96 2.36 3.82 -6.73
N ALA A 97 3.03 2.97 -7.51
CA ALA A 97 4.20 2.28 -7.00
C ALA A 97 5.37 3.23 -6.79
N ASN A 98 5.43 4.30 -7.58
CA ASN A 98 6.53 5.26 -7.43
C ASN A 98 6.35 6.09 -6.16
N LEU A 99 5.14 6.57 -5.90
CA LEU A 99 4.89 7.37 -4.70
C LEU A 99 4.83 6.53 -3.43
N SER A 100 4.58 5.22 -3.54
CA SER A 100 4.52 4.34 -2.39
C SER A 100 5.77 3.47 -2.24
N GLN A 101 6.72 3.56 -3.17
CA GLN A 101 8.00 2.85 -3.10
C GLN A 101 7.79 1.33 -3.11
N ILE A 102 7.33 0.84 -4.25
CA ILE A 102 7.08 -0.58 -4.48
C ILE A 102 7.97 -1.03 -5.62
N PRO A 103 8.72 -2.12 -5.48
CA PRO A 103 9.62 -2.55 -6.56
C PRO A 103 8.94 -3.35 -7.66
N LEU A 104 8.46 -2.64 -8.68
CA LEU A 104 7.85 -3.27 -9.85
C LEU A 104 8.84 -3.23 -11.00
N ILE A 105 9.08 -4.38 -11.62
CA ILE A 105 9.93 -4.48 -12.81
C ILE A 105 8.97 -4.54 -14.01
N VAL A 106 8.73 -3.39 -14.63
CA VAL A 106 7.76 -3.27 -15.70
C VAL A 106 8.46 -3.55 -17.02
N LEU A 107 8.11 -4.66 -17.65
CA LEU A 107 8.64 -5.06 -18.95
C LEU A 107 7.53 -4.91 -19.99
N THR A 108 7.79 -4.11 -21.01
CA THR A 108 6.81 -3.87 -22.08
C THR A 108 7.43 -4.26 -23.41
N ALA A 109 6.77 -5.15 -24.13
CA ALA A 109 7.23 -5.47 -25.48
C ALA A 109 7.04 -4.27 -26.41
N ASP A 110 7.76 -4.29 -27.52
CA ASP A 110 7.67 -3.19 -28.48
C ASP A 110 8.00 -3.72 -29.87
N ARG A 111 7.57 -2.97 -30.87
CA ARG A 111 7.97 -3.24 -32.24
C ARG A 111 9.45 -2.95 -32.42
N PRO A 112 10.11 -3.61 -33.36
CA PRO A 112 11.51 -3.27 -33.68
C PRO A 112 11.58 -1.87 -34.28
N HIS A 113 12.83 -1.41 -34.49
CA HIS A 113 13.04 -0.03 -34.90
C HIS A 113 12.34 0.27 -36.23
N GLU A 114 12.38 -0.68 -37.17
CA GLU A 114 11.74 -0.46 -38.47
C GLU A 114 10.22 -0.30 -38.36
N LEU A 115 9.62 -0.68 -37.25
CA LEU A 115 8.18 -0.53 -37.06
C LEU A 115 7.82 0.51 -36.01
N ARG A 116 8.76 1.38 -35.65
CA ARG A 116 8.54 2.39 -34.62
C ARG A 116 8.25 3.74 -35.27
N ASN A 117 7.10 4.33 -34.89
CA ASN A 117 6.70 5.64 -35.38
C ASN A 117 6.61 5.68 -36.90
N VAL A 118 6.00 4.63 -37.47
CA VAL A 118 5.82 4.51 -38.92
C VAL A 118 4.38 4.13 -39.21
N GLY A 119 3.51 4.24 -38.21
CA GLY A 119 2.12 3.88 -38.40
C GLY A 119 1.86 2.38 -38.44
N ALA A 120 2.73 1.59 -37.83
CA ALA A 120 2.55 0.14 -37.81
C ALA A 120 1.41 -0.25 -36.88
N PRO A 121 0.74 -1.37 -37.16
CA PRO A 121 -0.36 -1.80 -36.29
C PRO A 121 0.13 -2.17 -34.90
N GLN A 122 -0.64 -1.74 -33.89
CA GLN A 122 -0.33 -1.99 -32.48
C GLN A 122 1.04 -1.44 -32.09
N ALA A 123 1.48 -0.38 -32.75
CA ALA A 123 2.75 0.27 -32.45
C ALA A 123 2.49 1.61 -31.76
N MET A 124 3.41 1.96 -30.86
CA MET A 124 3.25 3.14 -30.01
C MET A 124 4.62 3.54 -29.49
N ASP A 125 4.87 4.85 -29.42
CA ASP A 125 6.10 5.33 -28.81
C ASP A 125 6.10 4.97 -27.33
N GLN A 126 7.06 4.15 -26.93
CA GLN A 126 7.17 3.66 -25.56
C GLN A 126 8.47 4.07 -24.90
N LEU A 127 9.27 4.91 -25.55
CA LEU A 127 10.47 5.45 -24.92
C LEU A 127 10.07 6.43 -23.82
N HIS A 128 10.62 6.22 -22.62
CA HIS A 128 10.27 7.01 -21.45
C HIS A 128 8.76 7.11 -21.27
N LEU A 129 8.10 5.97 -21.41
CA LEU A 129 6.63 5.93 -21.46
C LEU A 129 6.03 6.48 -20.17
N TYR A 130 6.65 6.21 -19.03
CA TYR A 130 6.09 6.60 -17.75
C TYR A 130 6.73 7.85 -17.18
N GLY A 131 7.57 8.54 -17.96
CA GLY A 131 8.16 9.79 -17.52
C GLY A 131 8.95 9.63 -16.23
N SER A 132 8.71 10.54 -15.29
CA SER A 132 9.44 10.57 -14.03
C SER A 132 8.88 9.61 -12.99
N HIS A 133 7.88 8.80 -13.37
CA HIS A 133 7.23 7.88 -12.44
C HIS A 133 7.94 6.54 -12.35
N VAL A 134 9.12 6.41 -12.97
CA VAL A 134 9.97 5.24 -12.76
C VAL A 134 11.33 5.72 -12.30
N LYS A 135 12.00 4.87 -11.50
CA LYS A 135 13.35 5.19 -11.05
C LYS A 135 14.35 5.16 -12.19
N ASP A 136 14.10 4.33 -13.21
CA ASP A 136 15.02 4.20 -14.33
C ASP A 136 14.27 3.60 -15.51
N PHE A 137 14.75 3.92 -16.71
CA PHE A 137 14.20 3.42 -17.95
C PHE A 137 15.32 2.89 -18.83
N THR A 138 15.05 1.78 -19.51
CA THR A 138 16.04 1.16 -20.38
C THR A 138 15.36 0.72 -21.66
N ASP A 139 15.90 1.14 -22.80
CA ASP A 139 15.45 0.66 -24.10
C ASP A 139 16.43 -0.42 -24.55
N MET A 140 16.06 -1.68 -24.29
CA MET A 140 16.94 -2.80 -24.60
C MET A 140 17.22 -2.89 -26.09
N ALA A 141 18.39 -3.44 -26.43
CA ALA A 141 18.75 -3.66 -27.81
C ALA A 141 17.93 -4.81 -28.40
N LEU A 142 17.90 -4.87 -29.73
CA LEU A 142 17.35 -6.02 -30.41
C LEU A 142 18.14 -7.28 -30.00
N PRO A 143 17.49 -8.44 -29.99
CA PRO A 143 18.14 -9.66 -29.49
C PRO A 143 19.42 -9.98 -30.24
N GLU A 144 20.51 -10.14 -29.48
CA GLU A 144 21.79 -10.60 -29.98
C GLU A 144 22.35 -11.62 -29.01
N ASN A 145 23.04 -12.63 -29.52
CA ASN A 145 23.57 -13.70 -28.68
C ASN A 145 25.09 -13.72 -28.64
N SER A 146 25.74 -12.62 -29.00
CA SER A 146 27.18 -12.52 -28.85
C SER A 146 27.55 -12.53 -27.36
N GLU A 147 28.84 -12.74 -27.09
CA GLU A 147 29.29 -12.84 -25.71
C GLU A 147 29.01 -11.56 -24.93
N GLU A 148 29.26 -10.41 -25.55
CA GLU A 148 29.03 -9.14 -24.86
C GLU A 148 27.53 -8.87 -24.67
N MET A 149 26.72 -9.26 -25.65
CA MET A 149 25.29 -8.98 -25.54
C MET A 149 24.58 -9.94 -24.58
N LEU A 150 25.05 -11.19 -24.48
CA LEU A 150 24.47 -12.10 -23.49
C LEU A 150 24.78 -11.63 -22.08
N ARG A 151 25.98 -11.09 -21.86
CA ARG A 151 26.32 -10.50 -20.58
C ARG A 151 25.66 -9.15 -20.39
N TYR A 152 25.33 -8.45 -21.48
CA TYR A 152 24.56 -7.22 -21.40
C TYR A 152 23.13 -7.51 -20.96
N ALA A 153 22.55 -8.61 -21.43
CA ALA A 153 21.20 -8.97 -21.03
C ALA A 153 21.14 -9.37 -19.56
N LYS A 154 22.12 -10.18 -19.11
CA LYS A 154 22.18 -10.52 -17.69
C LYS A 154 22.48 -9.29 -16.84
N TRP A 155 23.31 -8.38 -17.35
CA TRP A 155 23.66 -7.19 -16.60
C TRP A 155 22.43 -6.34 -16.28
N HIS A 156 21.59 -6.09 -17.30
CA HIS A 156 20.39 -5.30 -17.08
C HIS A 156 19.37 -6.02 -16.21
N GLY A 157 19.35 -7.35 -16.27
CA GLY A 157 18.45 -8.10 -15.40
C GLY A 157 18.80 -7.90 -13.94
N SER A 158 20.09 -8.00 -13.60
CA SER A 158 20.50 -7.78 -12.22
C SER A 158 20.39 -6.31 -11.83
N ARG A 159 20.62 -5.40 -12.79
CA ARG A 159 20.56 -3.98 -12.49
C ARG A 159 19.14 -3.50 -12.25
N ALA A 160 18.19 -3.99 -13.04
CA ALA A 160 16.80 -3.57 -12.87
C ALA A 160 16.29 -3.90 -11.48
N VAL A 161 16.50 -5.15 -11.05
CA VAL A 161 16.03 -5.55 -9.73
C VAL A 161 16.74 -4.77 -8.63
N ASP A 162 18.05 -4.58 -8.77
CA ASP A 162 18.82 -3.89 -7.74
C ASP A 162 18.39 -2.44 -7.61
N ILE A 163 18.19 -1.76 -8.73
CA ILE A 163 17.73 -0.36 -8.66
C ILE A 163 16.34 -0.28 -8.08
N ALA A 164 15.48 -1.26 -8.40
CA ALA A 164 14.11 -1.23 -7.87
C ALA A 164 14.08 -1.52 -6.37
N MET A 165 14.93 -2.44 -5.90
CA MET A 165 14.99 -2.78 -4.49
C MET A 165 15.85 -1.84 -3.67
N LYS A 166 16.58 -0.93 -4.32
CA LYS A 166 17.44 0.01 -3.61
C LYS A 166 16.60 1.11 -2.99
N THR A 167 16.87 1.43 -1.74
CA THR A 167 16.12 2.49 -1.06
C THR A 167 16.49 3.84 -1.66
N PRO A 168 15.50 4.69 -2.01
CA PRO A 168 14.05 4.47 -1.92
C PRO A 168 13.54 3.57 -3.05
N ARG A 169 12.84 2.49 -2.70
CA ARG A 169 12.39 1.54 -3.71
C ARG A 169 11.38 2.17 -4.65
N GLY A 170 11.20 1.55 -5.82
CA GLY A 170 10.28 2.05 -6.82
C GLY A 170 10.32 1.25 -8.10
N PRO A 171 9.41 1.56 -9.02
CA PRO A 171 9.33 0.80 -10.26
C PRO A 171 10.39 1.19 -11.27
N VAL A 172 10.77 0.22 -12.09
CA VAL A 172 11.70 0.42 -13.18
C VAL A 172 11.05 -0.12 -14.45
N HIS A 173 11.39 0.48 -15.59
CA HIS A 173 10.77 0.17 -16.86
C HIS A 173 11.83 -0.26 -17.86
N LEU A 174 11.63 -1.41 -18.49
CA LEU A 174 12.50 -1.91 -19.55
C LEU A 174 11.66 -2.19 -20.78
N ASN A 175 12.03 -1.57 -21.90
CA ASN A 175 11.33 -1.73 -23.17
C ASN A 175 12.09 -2.72 -24.05
N PHE A 176 11.38 -3.70 -24.60
CA PHE A 176 11.97 -4.78 -25.39
C PHE A 176 11.48 -4.76 -26.83
N PRO A 177 12.20 -4.12 -27.75
CA PRO A 177 11.85 -4.25 -29.18
C PRO A 177 12.15 -5.66 -29.67
N LEU A 178 11.12 -6.34 -30.18
CA LEU A 178 11.20 -7.74 -30.56
C LEU A 178 10.78 -7.88 -32.02
N ARG A 179 11.64 -8.53 -32.81
CA ARG A 179 11.42 -8.71 -34.24
C ARG A 179 10.93 -10.12 -34.53
N GLU A 180 9.98 -10.24 -35.47
CA GLU A 180 9.47 -11.55 -35.84
C GLU A 180 10.54 -12.35 -36.58
N PRO A 181 10.50 -13.70 -36.49
CA PRO A 181 9.56 -14.55 -35.73
C PRO A 181 9.71 -14.38 -34.22
N LEU A 182 8.66 -14.67 -33.46
CA LEU A 182 8.63 -14.39 -32.03
C LEU A 182 8.56 -15.65 -31.17
N VAL A 183 8.65 -16.82 -31.79
CA VAL A 183 8.54 -18.10 -31.06
C VAL A 183 9.95 -18.57 -30.73
N PRO A 184 10.33 -18.64 -29.47
CA PRO A 184 11.67 -19.11 -29.11
C PRO A 184 11.73 -20.64 -29.09
N ILE A 185 12.90 -21.15 -28.73
CA ILE A 185 13.16 -22.59 -28.68
C ILE A 185 13.06 -23.02 -27.22
N LEU A 186 11.96 -23.70 -26.88
CA LEU A 186 11.74 -24.16 -25.52
C LEU A 186 12.12 -25.62 -25.31
N GLU A 187 12.38 -26.37 -26.38
CA GLU A 187 12.77 -27.78 -26.29
C GLU A 187 14.06 -27.95 -27.08
N PRO A 188 15.21 -28.20 -26.42
CA PRO A 188 15.42 -28.38 -24.98
C PRO A 188 15.25 -27.09 -24.18
N SER A 189 15.08 -27.21 -22.86
CA SER A 189 14.83 -26.04 -22.05
C SER A 189 16.06 -25.15 -22.00
N PRO A 190 15.88 -23.83 -22.04
CA PRO A 190 17.03 -22.91 -22.09
C PRO A 190 17.58 -22.52 -20.73
N PHE A 191 16.91 -22.91 -19.65
CA PHE A 191 17.34 -22.60 -18.29
C PHE A 191 18.03 -23.77 -17.62
N THR A 192 17.44 -24.96 -17.72
CA THR A 192 18.06 -26.17 -17.21
C THR A 192 18.79 -26.90 -18.33
N ALA A 193 19.66 -27.84 -17.94
CA ALA A 193 20.48 -28.62 -18.86
C ALA A 193 21.42 -27.73 -19.67
N THR A 194 21.85 -26.62 -19.08
CA THR A 194 22.80 -25.69 -19.69
C THR A 194 23.99 -25.58 -18.73
N GLY A 195 24.93 -26.51 -18.84
CA GLY A 195 26.12 -26.47 -18.00
C GLY A 195 27.00 -25.27 -18.31
N LYS A 196 27.96 -25.05 -17.42
CA LYS A 196 28.87 -23.89 -17.42
C LYS A 196 28.15 -22.63 -17.89
N LYS A 197 27.09 -22.27 -17.17
CA LYS A 197 26.29 -21.09 -17.47
C LYS A 197 26.11 -20.14 -16.29
N HIS A 198 26.28 -20.60 -15.05
CA HIS A 198 26.04 -19.76 -13.88
C HIS A 198 27.04 -18.60 -13.84
N HIS A 199 26.52 -17.37 -13.85
CA HIS A 199 27.31 -16.16 -13.68
C HIS A 199 26.42 -15.13 -12.98
N HIS A 200 25.92 -15.48 -11.82
CA HIS A 200 25.00 -14.61 -11.10
C HIS A 200 25.73 -13.42 -10.49
N VAL A 201 25.03 -12.28 -10.46
CA VAL A 201 25.56 -11.05 -9.87
C VAL A 201 24.94 -10.91 -8.49
N HIS A 202 25.70 -11.25 -7.46
CA HIS A 202 25.22 -11.14 -6.09
C HIS A 202 25.25 -9.69 -5.63
N ILE A 203 24.14 -9.22 -5.08
CA ILE A 203 24.04 -7.89 -4.50
C ILE A 203 24.02 -8.04 -2.98
N TYR A 204 24.86 -7.27 -2.31
CA TYR A 204 24.98 -7.34 -0.86
C TYR A 204 24.00 -6.39 -0.19
N TYR A 205 23.58 -6.76 1.02
CA TYR A 205 22.61 -5.98 1.75
C TYR A 205 23.30 -4.79 2.42
N THR A 206 22.82 -3.58 2.13
CA THR A 206 23.37 -2.36 2.70
C THR A 206 22.25 -1.53 3.30
N HIS A 207 22.60 -0.65 4.23
CA HIS A 207 21.64 0.26 4.82
C HIS A 207 22.36 1.51 5.31
N GLU A 208 21.61 2.61 5.38
CA GLU A 208 22.16 3.90 5.75
C GLU A 208 22.25 4.05 7.27
N VAL A 209 23.28 4.75 7.72
CA VAL A 209 23.62 4.83 9.13
C VAL A 209 24.05 6.26 9.45
N LEU A 210 23.58 6.77 10.59
CA LEU A 210 23.98 8.09 11.05
C LEU A 210 25.42 8.11 11.54
N ASP A 211 26.08 9.25 11.38
CA ASP A 211 27.42 9.44 11.89
C ASP A 211 27.41 9.48 13.42
N ASP A 212 28.59 9.26 14.00
CA ASP A 212 28.72 9.39 15.46
C ASP A 212 28.40 10.81 15.92
N SER A 213 28.79 11.81 15.13
CA SER A 213 28.49 13.19 15.49
C SER A 213 27.00 13.46 15.37
N SER A 214 26.34 12.88 14.37
CA SER A 214 24.91 13.06 14.20
C SER A 214 24.13 12.36 15.32
N ILE A 215 24.62 11.20 15.77
CA ILE A 215 23.95 10.50 16.86
C ILE A 215 24.05 11.30 18.15
N GLN A 216 25.25 11.79 18.47
CA GLN A 216 25.43 12.57 19.68
C GLN A 216 24.61 13.85 19.65
N LYS A 217 24.46 14.47 18.49
CA LYS A 217 23.68 15.70 18.39
C LYS A 217 22.22 15.46 18.73
N MET A 218 21.62 14.39 18.18
CA MET A 218 20.19 14.19 18.37
C MET A 218 19.87 13.64 19.74
N VAL A 219 20.73 12.77 20.28
CA VAL A 219 20.53 12.27 21.64
C VAL A 219 20.57 13.41 22.65
N THR A 220 21.47 14.39 22.42
CA THR A 220 21.57 15.52 23.32
C THR A 220 20.34 16.42 23.23
N GLU A 221 19.89 16.70 22.01
CA GLU A 221 18.79 17.64 21.82
C GLU A 221 17.42 17.04 22.08
N CYS A 222 17.30 15.72 22.21
CA CYS A 222 16.03 15.08 22.51
C CYS A 222 15.90 14.64 23.95
N THR A 223 16.95 14.75 24.75
CA THR A 223 16.90 14.34 26.15
C THR A 223 16.04 15.31 26.95
N GLY A 224 15.08 14.76 27.69
CA GLY A 224 14.23 15.57 28.55
C GLY A 224 13.25 16.46 27.82
N LYS A 225 13.04 16.24 26.53
CA LYS A 225 12.11 17.05 25.76
C LYS A 225 10.74 16.39 25.75
N LYS A 226 9.70 17.23 25.69
CA LYS A 226 8.33 16.76 25.54
C LYS A 226 8.14 16.41 24.06
N GLY A 227 8.48 15.18 23.70
CA GLY A 227 8.47 14.75 22.33
C GLY A 227 7.26 13.89 21.99
N VAL A 228 6.97 13.83 20.68
CA VAL A 228 5.83 13.07 20.16
C VAL A 228 6.29 12.36 18.89
N PHE A 229 6.00 11.06 18.81
CA PHE A 229 6.23 10.29 17.58
C PHE A 229 4.99 10.35 16.70
N VAL A 230 5.20 10.53 15.41
CA VAL A 230 4.12 10.53 14.43
C VAL A 230 4.49 9.48 13.38
N VAL A 231 3.78 8.36 13.39
CA VAL A 231 4.09 7.24 12.52
C VAL A 231 2.93 7.10 11.52
N GLY A 232 3.17 7.50 10.28
CA GLY A 232 2.18 7.35 9.24
C GLY A 232 2.29 5.99 8.58
N PRO A 233 1.73 5.88 7.38
CA PRO A 233 1.83 4.62 6.63
C PRO A 233 3.28 4.23 6.38
N ILE A 234 3.69 3.11 6.96
CA ILE A 234 5.04 2.60 6.79
C ILE A 234 4.98 1.09 6.86
N ASP A 235 5.63 0.43 5.88
CA ASP A 235 5.64 -1.03 5.80
C ASP A 235 7.09 -1.48 5.64
N LYS A 236 7.81 -1.49 6.76
CA LYS A 236 9.15 -2.07 6.84
C LYS A 236 9.08 -3.33 7.71
N LYS A 237 10.19 -4.05 7.73
CA LYS A 237 10.29 -5.25 8.56
C LYS A 237 10.15 -4.88 10.04
N GLU A 238 9.31 -5.62 10.75
CA GLU A 238 9.09 -5.43 12.18
C GLU A 238 8.77 -3.98 12.51
N LEU A 239 9.65 -3.33 13.28
CA LEU A 239 9.61 -1.91 13.61
C LEU A 239 8.46 -1.54 14.53
N GLU A 240 7.48 -2.44 14.70
CA GLU A 240 6.34 -2.12 15.54
C GLU A 240 6.68 -2.22 17.02
N GLN A 241 7.38 -3.27 17.42
CA GLN A 241 7.83 -3.40 18.79
C GLN A 241 8.95 -2.41 19.13
N PRO A 242 9.97 -2.22 18.26
CA PRO A 242 11.00 -1.22 18.59
C PRO A 242 10.48 0.18 18.80
N MET A 243 9.46 0.60 18.03
CA MET A 243 8.89 1.92 18.23
C MET A 243 8.20 2.04 19.57
N VAL A 244 7.42 1.02 19.95
CA VAL A 244 6.73 1.04 21.23
C VAL A 244 7.74 1.05 22.37
N ASP A 245 8.83 0.27 22.23
CA ASP A 245 9.81 0.19 23.30
C ASP A 245 10.53 1.52 23.50
N LEU A 246 10.92 2.17 22.40
CA LEU A 246 11.56 3.48 22.53
C LEU A 246 10.61 4.52 23.10
N ALA A 247 9.31 4.43 22.75
CA ALA A 247 8.35 5.39 23.30
C ALA A 247 8.10 5.13 24.78
N LYS A 248 8.11 3.87 25.20
CA LYS A 248 8.02 3.57 26.63
C LYS A 248 9.27 4.05 27.36
N LYS A 249 10.44 3.93 26.73
CA LYS A 249 11.69 4.35 27.36
C LYS A 249 11.74 5.85 27.56
N LEU A 250 11.19 6.62 26.62
CA LEU A 250 11.23 8.07 26.67
C LEU A 250 10.00 8.67 27.32
N GLY A 251 8.90 7.94 27.40
CA GLY A 251 7.64 8.51 27.83
C GLY A 251 6.97 9.39 26.79
N TRP A 252 7.01 8.97 25.52
CA TRP A 252 6.45 9.79 24.45
C TRP A 252 5.27 9.08 23.79
N PRO A 253 4.21 9.80 23.45
CA PRO A 253 3.09 9.18 22.74
C PRO A 253 3.44 8.94 21.27
N ILE A 254 2.80 7.93 20.71
CA ILE A 254 2.96 7.58 19.30
C ILE A 254 1.63 7.82 18.62
N LEU A 255 1.49 8.94 17.93
CA LEU A 255 0.33 9.19 17.09
C LEU A 255 0.42 8.25 15.89
N ALA A 256 -0.31 7.14 15.94
CA ALA A 256 -0.10 6.01 15.04
C ALA A 256 -1.22 5.92 14.01
N ASP A 257 -0.86 6.00 12.74
CA ASP A 257 -1.80 5.77 11.66
C ASP A 257 -2.24 4.30 11.66
N PRO A 258 -3.45 4.01 11.18
CA PRO A 258 -3.85 2.60 11.04
C PRO A 258 -2.89 1.78 10.19
N LEU A 259 -2.28 2.40 9.17
CA LEU A 259 -1.37 1.70 8.28
C LEU A 259 0.05 1.62 8.80
N SER A 260 0.29 2.10 10.02
CA SER A 260 1.59 1.96 10.66
C SER A 260 1.79 0.61 11.32
N GLY A 261 0.74 -0.20 11.42
CA GLY A 261 0.82 -1.50 12.07
C GLY A 261 0.80 -1.45 13.59
N LEU A 262 0.87 -0.27 14.19
CA LEU A 262 0.91 -0.13 15.65
C LEU A 262 -0.44 -0.31 16.32
N ARG A 263 -1.53 -0.25 15.56
CA ARG A 263 -2.85 -0.50 16.12
C ARG A 263 -3.23 -1.97 16.13
N SER A 264 -2.37 -2.84 15.58
CA SER A 264 -2.71 -4.25 15.48
C SER A 264 -1.46 -5.09 15.25
N TYR A 265 -0.49 -5.01 16.16
CA TYR A 265 0.74 -5.79 16.07
C TYR A 265 0.76 -6.98 17.03
N GLY A 266 -0.35 -7.25 17.70
CA GLY A 266 -0.48 -8.43 18.54
C GLY A 266 -0.57 -8.16 20.02
N ALA A 267 -0.38 -6.92 20.46
CA ALA A 267 -0.39 -6.62 21.88
C ALA A 267 -0.96 -5.23 22.11
N LEU A 268 -1.25 -4.94 23.37
CA LEU A 268 -1.74 -3.63 23.79
C LEU A 268 -0.65 -2.89 24.53
N ASP A 269 -0.54 -1.60 24.26
CA ASP A 269 0.42 -0.76 24.97
C ASP A 269 -0.24 0.56 25.32
N GLU A 270 0.47 1.36 26.11
CA GLU A 270 -0.04 2.58 26.69
C GLU A 270 0.63 3.82 26.10
N VAL A 271 1.24 3.68 24.93
CA VAL A 271 1.86 4.82 24.27
C VAL A 271 1.26 5.12 22.90
N VAL A 272 0.57 4.17 22.27
CA VAL A 272 -0.02 4.40 20.96
C VAL A 272 -1.30 5.22 21.12
N ILE A 273 -1.37 6.34 20.41
CA ILE A 273 -2.54 7.20 20.38
C ILE A 273 -3.26 6.95 19.07
N ASP A 274 -4.53 6.52 19.15
CA ASP A 274 -5.32 6.22 17.97
C ASP A 274 -6.57 7.07 17.87
N GLN A 275 -6.71 8.10 18.71
CA GLN A 275 -7.87 8.99 18.70
C GLN A 275 -7.49 10.42 18.35
N TYR A 276 -6.26 10.67 17.90
CA TYR A 276 -5.82 12.03 17.63
C TYR A 276 -6.71 12.71 16.60
N ASP A 277 -7.13 11.99 15.56
CA ASP A 277 -8.02 12.58 14.56
C ASP A 277 -9.29 13.12 15.19
N ALA A 278 -9.72 12.52 16.31
CA ALA A 278 -10.92 12.98 16.99
C ALA A 278 -10.63 14.22 17.83
N PHE A 279 -9.70 14.12 18.79
CA PHE A 279 -9.56 15.19 19.78
C PHE A 279 -8.67 16.35 19.34
N LEU A 280 -7.91 16.20 18.25
CA LEU A 280 -7.20 17.36 17.73
C LEU A 280 -8.14 18.36 17.06
N LYS A 281 -9.40 18.00 16.86
CA LYS A 281 -10.38 18.97 16.38
C LYS A 281 -10.77 19.97 17.46
N GLU A 282 -10.59 19.63 18.74
CA GLU A 282 -11.05 20.48 19.82
C GLU A 282 -9.99 21.52 20.16
N ALA A 283 -10.37 22.79 20.15
CA ALA A 283 -9.38 23.85 20.32
C ALA A 283 -8.97 24.00 21.79
N GLU A 284 -9.93 23.91 22.70
CA GLU A 284 -9.66 24.08 24.13
C GLU A 284 -8.77 23.00 24.71
N ILE A 285 -8.46 21.95 23.95
CA ILE A 285 -7.63 20.87 24.45
C ILE A 285 -6.18 20.96 23.95
N LEU A 286 -5.95 21.56 22.77
CA LEU A 286 -4.60 21.57 22.20
C LEU A 286 -3.60 22.34 23.06
N ASP A 287 -4.08 23.17 23.99
CA ASP A 287 -3.19 23.95 24.85
C ASP A 287 -2.22 23.04 25.61
N LYS A 288 -2.73 22.00 26.26
CA LYS A 288 -1.92 21.11 27.08
C LYS A 288 -1.16 20.08 26.26
N LEU A 289 -1.29 20.08 24.94
CA LEU A 289 -0.66 19.06 24.10
C LEU A 289 0.53 19.58 23.30
N THR A 290 0.85 20.88 23.42
CA THR A 290 1.90 21.48 22.61
C THR A 290 3.25 20.82 22.92
N PRO A 291 3.90 20.19 21.94
CA PRO A 291 5.16 19.51 22.22
C PRO A 291 6.37 20.38 21.92
N GLU A 292 7.56 19.86 22.22
CA GLU A 292 8.81 20.49 21.85
C GLU A 292 9.53 19.78 20.72
N VAL A 293 9.35 18.47 20.61
CA VAL A 293 9.99 17.66 19.57
C VAL A 293 8.92 16.82 18.89
N VAL A 294 9.00 16.74 17.56
CA VAL A 294 8.17 15.84 16.77
C VAL A 294 9.09 15.00 15.92
N ILE A 295 8.93 13.68 15.99
CA ILE A 295 9.73 12.75 15.20
C ILE A 295 8.78 11.95 14.32
N ARG A 296 8.88 12.14 13.01
CA ARG A 296 7.99 11.53 12.05
C ARG A 296 8.61 10.29 11.43
N PHE A 297 7.80 9.25 11.25
CA PHE A 297 8.18 8.03 10.57
C PHE A 297 7.18 7.74 9.45
N GLY A 298 7.68 7.16 8.36
CA GLY A 298 6.81 6.78 7.27
C GLY A 298 6.19 7.97 6.55
N SER A 299 5.15 7.67 5.78
CA SER A 299 4.47 8.66 4.97
C SER A 299 3.65 9.60 5.86
N MET A 300 2.92 10.51 5.24
CA MET A 300 2.07 11.44 5.99
C MET A 300 0.77 10.73 6.38
N PRO A 301 0.33 10.84 7.63
CA PRO A 301 -0.90 10.16 8.04
C PRO A 301 -2.13 10.68 7.32
N VAL A 302 -3.16 9.82 7.26
CA VAL A 302 -4.41 10.17 6.60
C VAL A 302 -5.12 11.28 7.33
N SER A 303 -4.93 11.38 8.65
CA SER A 303 -5.65 12.35 9.46
C SER A 303 -5.35 13.77 9.01
N LYS A 304 -6.39 14.49 8.63
CA LYS A 304 -6.28 15.91 8.32
C LYS A 304 -6.27 16.76 9.58
N PRO A 305 -6.98 16.38 10.66
CA PRO A 305 -6.76 17.09 11.93
C PRO A 305 -5.36 16.91 12.49
N LEU A 306 -4.67 15.80 12.19
CA LEU A 306 -3.27 15.69 12.56
C LEU A 306 -2.42 16.63 11.72
N LYS A 307 -2.71 16.73 10.43
CA LYS A 307 -2.33 17.90 9.66
C LYS A 307 -3.01 19.12 10.28
N ASN A 308 -2.60 20.32 9.82
CA ASN A 308 -3.05 21.58 10.41
C ASN A 308 -2.43 21.77 11.80
N TRP A 309 -2.65 20.82 12.70
CA TRP A 309 -2.06 20.91 14.03
C TRP A 309 -0.54 20.94 13.95
N LEU A 310 0.06 19.93 13.31
CA LEU A 310 1.49 19.94 13.07
C LEU A 310 1.92 21.12 12.21
N GLU A 311 1.00 21.66 11.39
CA GLU A 311 1.35 22.76 10.51
C GLU A 311 1.52 24.07 11.28
N GLN A 312 0.78 24.25 12.37
CA GLN A 312 0.85 25.46 13.16
C GLN A 312 1.75 25.35 14.37
N LEU A 313 2.37 24.18 14.61
CA LEU A 313 3.33 24.02 15.68
C LEU A 313 4.56 24.88 15.39
N SER A 314 4.74 25.94 16.17
CA SER A 314 5.83 26.88 15.97
C SER A 314 6.93 26.65 17.01
N ASP A 315 8.16 26.94 16.60
CA ASP A 315 9.33 26.90 17.47
C ASP A 315 9.51 25.52 18.10
N ILE A 316 9.52 24.50 17.26
CA ILE A 316 9.75 23.13 17.69
C ILE A 316 10.85 22.53 16.82
N ARG A 317 11.33 21.37 17.24
CA ARG A 317 12.30 20.59 16.48
C ARG A 317 11.53 19.46 15.81
N PHE A 318 11.29 19.61 14.50
CA PHE A 318 10.48 18.66 13.72
C PHE A 318 11.43 17.75 12.94
N TYR A 319 11.71 16.58 13.49
CA TYR A 319 12.51 15.58 12.81
C TYR A 319 11.65 14.78 11.83
N VAL A 320 12.24 14.42 10.70
CA VAL A 320 11.59 13.59 9.70
C VAL A 320 12.56 12.50 9.29
N VAL A 321 12.17 11.25 9.49
CA VAL A 321 13.01 10.11 9.12
C VAL A 321 12.67 9.71 7.70
N ASP A 322 13.65 9.81 6.81
CA ASP A 322 13.43 9.66 5.37
C ASP A 322 14.59 8.85 4.81
N PRO A 323 14.48 7.52 4.83
CA PRO A 323 15.62 6.69 4.41
C PRO A 323 16.06 6.91 2.96
N GLY A 324 15.14 7.21 2.06
CA GLY A 324 15.48 7.37 0.67
C GLY A 324 15.69 8.77 0.15
N ALA A 325 15.58 9.78 1.01
CA ALA A 325 15.62 11.19 0.59
C ALA A 325 14.48 11.51 -0.39
N ALA A 326 13.30 10.94 -0.14
CA ALA A 326 12.14 11.22 -0.98
C ALA A 326 11.49 12.56 -0.68
N TRP A 327 11.78 13.14 0.48
CA TRP A 327 11.28 14.47 0.88
C TRP A 327 9.76 14.55 0.82
N LYS A 328 9.12 13.67 1.58
CA LYS A 328 7.68 13.64 1.73
C LYS A 328 7.33 14.45 2.98
N ASP A 329 6.98 15.72 2.78
CA ASP A 329 6.66 16.63 3.87
C ASP A 329 5.68 17.66 3.36
N PRO A 330 4.40 17.27 3.20
CA PRO A 330 3.43 18.18 2.58
C PRO A 330 3.15 19.44 3.37
N ILE A 331 3.52 19.49 4.65
CA ILE A 331 3.37 20.72 5.43
C ILE A 331 4.64 21.55 5.45
N LYS A 332 5.76 21.01 4.95
CA LYS A 332 7.03 21.72 4.88
C LYS A 332 7.48 22.24 6.23
N ALA A 333 7.20 21.49 7.29
CA ALA A 333 7.52 21.89 8.65
C ALA A 333 8.82 21.26 9.16
N VAL A 334 9.59 20.63 8.29
CA VAL A 334 10.76 19.88 8.73
C VAL A 334 11.83 20.84 9.24
N THR A 335 12.43 20.50 10.39
CA THR A 335 13.56 21.22 10.95
C THR A 335 14.84 20.40 10.93
N ASP A 336 14.73 19.08 11.06
CA ASP A 336 15.88 18.17 11.04
C ASP A 336 15.55 16.98 10.17
N MET A 337 16.22 16.87 9.03
CA MET A 337 16.01 15.78 8.09
C MET A 337 17.04 14.68 8.32
N ILE A 338 16.58 13.43 8.40
CA ILE A 338 17.43 12.28 8.70
C ILE A 338 17.28 11.26 7.58
N HIS A 339 18.39 10.89 6.96
CA HIS A 339 18.41 9.94 5.85
C HIS A 339 19.11 8.67 6.27
N CYS A 340 18.51 7.96 7.22
CA CYS A 340 19.06 6.69 7.68
C CYS A 340 17.93 5.68 7.83
N ASP A 341 18.32 4.42 7.94
CA ASP A 341 17.36 3.34 8.12
C ASP A 341 16.61 3.52 9.44
N GLU A 342 15.29 3.29 9.39
CA GLU A 342 14.45 3.50 10.58
C GLU A 342 14.85 2.55 11.70
N ARG A 343 15.10 1.28 11.37
CA ARG A 343 15.51 0.32 12.39
C ARG A 343 16.79 0.76 13.09
N PHE A 344 17.76 1.30 12.34
CA PHE A 344 19.00 1.75 12.95
C PHE A 344 18.75 2.90 13.92
N LEU A 345 17.94 3.88 13.51
CA LEU A 345 17.68 5.03 14.38
C LEU A 345 16.95 4.63 15.65
N LEU A 346 16.02 3.68 15.54
CA LEU A 346 15.27 3.24 16.72
C LEU A 346 16.21 2.56 17.72
N ASP A 347 17.09 1.68 17.23
CA ASP A 347 18.01 0.99 18.13
C ASP A 347 19.03 1.96 18.72
N ILE A 348 19.57 2.86 17.88
CA ILE A 348 20.66 3.71 18.34
C ILE A 348 20.19 4.67 19.42
N MET A 349 18.90 5.01 19.43
CA MET A 349 18.34 5.77 20.54
C MET A 349 17.95 4.89 21.71
N GLN A 350 17.48 3.67 21.42
CA GLN A 350 17.06 2.76 22.50
C GLN A 350 18.18 2.55 23.52
N GLN A 351 19.44 2.58 23.09
CA GLN A 351 20.55 2.33 23.99
C GLN A 351 21.47 3.54 24.13
N ASN A 352 20.96 4.75 23.87
CA ASN A 352 21.75 5.96 24.09
C ASN A 352 20.96 6.99 24.88
N MET A 353 19.64 7.00 24.75
CA MET A 353 18.82 7.95 25.48
C MET A 353 18.85 7.62 26.98
N PRO A 354 18.68 8.63 27.83
CA PRO A 354 18.61 8.36 29.28
C PRO A 354 17.36 7.55 29.62
N ASP A 355 17.53 6.65 30.58
CA ASP A 355 16.44 5.76 31.01
C ASP A 355 15.52 6.39 32.04
N ASP A 356 15.66 7.70 32.30
CA ASP A 356 14.90 8.30 33.38
C ASP A 356 14.54 9.76 33.13
N ALA A 357 14.58 10.22 31.89
CA ALA A 357 14.19 11.59 31.55
C ALA A 357 12.75 11.62 31.04
N LYS A 358 11.84 11.12 31.88
CA LYS A 358 10.44 10.91 31.50
C LYS A 358 9.56 11.77 32.38
N ASP A 359 8.98 12.82 31.80
CA ASP A 359 7.98 13.64 32.49
C ASP A 359 6.66 12.88 32.46
N ALA A 360 6.30 12.25 33.58
CA ALA A 360 5.13 11.38 33.60
C ALA A 360 3.85 12.12 33.21
N ALA A 361 3.75 13.40 33.58
CA ALA A 361 2.57 14.20 33.25
C ALA A 361 2.40 14.39 31.75
N TRP A 362 3.48 14.33 30.98
CA TRP A 362 3.39 14.52 29.54
C TRP A 362 2.64 13.38 28.87
N LEU A 363 3.11 12.15 29.06
CA LEU A 363 2.42 11.01 28.47
C LEU A 363 1.05 10.80 29.10
N SER A 364 0.89 11.15 30.37
CA SER A 364 -0.41 11.02 31.02
C SER A 364 -1.46 11.91 30.37
N ARG A 365 -1.05 13.09 29.88
CA ARG A 365 -2.00 13.98 29.22
C ARG A 365 -2.50 13.38 27.91
N TRP A 366 -1.62 12.75 27.13
CA TRP A 366 -2.02 12.18 25.86
C TRP A 366 -2.85 10.92 26.04
N THR A 367 -2.41 10.01 26.92
CA THR A 367 -3.13 8.75 27.11
C THR A 367 -4.48 8.98 27.77
N SER A 368 -4.61 10.02 28.59
CA SER A 368 -5.91 10.33 29.19
C SER A 368 -6.92 10.68 28.13
N TYR A 369 -6.60 11.67 27.28
CA TYR A 369 -7.50 12.04 26.20
C TYR A 369 -7.77 10.86 25.28
N ASN A 370 -6.75 10.03 25.04
CA ASN A 370 -6.89 8.94 24.09
C ASN A 370 -7.80 7.84 24.63
N LYS A 371 -7.59 7.43 25.89
CA LYS A 371 -8.35 6.31 26.42
C LYS A 371 -9.80 6.70 26.70
N VAL A 372 -10.05 7.96 27.08
CA VAL A 372 -11.42 8.41 27.29
C VAL A 372 -12.16 8.46 25.96
N ALA A 373 -11.53 9.04 24.93
CA ALA A 373 -12.16 9.09 23.62
C ALA A 373 -12.31 7.70 23.03
N ARG A 374 -11.33 6.82 23.26
CA ARG A 374 -11.39 5.46 22.75
C ARG A 374 -12.62 4.73 23.26
N GLU A 375 -12.95 4.91 24.54
CA GLU A 375 -14.08 4.18 25.11
C GLU A 375 -15.42 4.82 24.78
N ILE A 376 -15.45 6.12 24.49
CA ILE A 376 -16.69 6.74 24.03
C ILE A 376 -17.05 6.21 22.64
N VAL A 377 -16.05 5.99 21.79
CA VAL A 377 -16.31 5.43 20.47
C VAL A 377 -16.80 4.00 20.58
N LEU A 378 -16.08 3.17 21.35
CA LEU A 378 -16.47 1.78 21.53
C LEU A 378 -17.83 1.66 22.22
N ALA A 379 -18.20 2.63 23.05
CA ALA A 379 -19.52 2.60 23.67
C ALA A 379 -20.61 2.91 22.66
N GLU A 380 -20.40 3.92 21.81
CA GLU A 380 -21.42 4.28 20.83
C GLU A 380 -21.63 3.17 19.81
N MET A 381 -20.59 2.41 19.49
CA MET A 381 -20.73 1.32 18.53
C MET A 381 -21.29 0.05 19.17
N ALA A 382 -21.01 -0.18 20.45
CA ALA A 382 -21.52 -1.38 21.11
C ALA A 382 -23.02 -1.27 21.37
N ASN A 383 -23.53 -0.06 21.56
CA ASN A 383 -24.93 0.16 21.93
C ASN A 383 -25.81 0.49 20.74
N THR A 384 -25.30 0.38 19.52
CA THR A 384 -26.09 0.67 18.33
C THR A 384 -26.35 -0.63 17.56
N THR A 385 -27.51 -0.67 16.90
CA THR A 385 -27.85 -1.76 16.00
C THR A 385 -27.88 -1.34 14.54
N ILE A 386 -28.00 -0.04 14.26
CA ILE A 386 -27.91 0.46 12.89
C ILE A 386 -26.50 0.22 12.37
N LEU A 387 -26.41 -0.44 11.21
CA LEU A 387 -25.11 -0.82 10.62
C LEU A 387 -24.56 0.36 9.81
N GLU A 388 -24.20 1.40 10.55
CA GLU A 388 -23.58 2.58 9.95
C GLU A 388 -22.14 2.28 9.55
N GLU A 389 -21.49 3.24 8.89
CA GLU A 389 -20.12 3.02 8.41
C GLU A 389 -19.18 2.71 9.57
N GLY A 390 -19.25 3.49 10.65
CA GLY A 390 -18.41 3.23 11.80
C GLY A 390 -18.66 1.87 12.43
N LYS A 391 -19.92 1.42 12.44
CA LYS A 391 -20.23 0.12 13.02
C LYS A 391 -19.61 -1.01 12.21
N ILE A 392 -19.55 -0.87 10.88
CA ILE A 392 -18.92 -1.89 10.05
C ILE A 392 -17.45 -2.05 10.43
N VAL A 393 -16.74 -0.94 10.60
CA VAL A 393 -15.34 -1.02 11.01
C VAL A 393 -15.22 -1.60 12.41
N ALA A 394 -16.13 -1.22 13.30
CA ALA A 394 -16.07 -1.72 14.67
C ALA A 394 -16.22 -3.24 14.70
N GLU A 395 -17.20 -3.77 13.97
CA GLU A 395 -17.41 -5.23 13.97
C GLU A 395 -16.27 -5.96 13.28
N LEU A 396 -15.67 -5.36 12.25
CA LEU A 396 -14.48 -5.95 11.65
C LEU A 396 -13.36 -6.05 12.66
N ARG A 397 -13.14 -4.99 13.45
CA ARG A 397 -12.12 -5.02 14.49
C ARG A 397 -12.38 -6.14 15.49
N ARG A 398 -13.64 -6.53 15.68
CA ARG A 398 -13.97 -7.56 16.65
C ARG A 398 -13.93 -8.96 16.07
N LEU A 399 -14.24 -9.11 14.79
CA LEU A 399 -14.43 -10.43 14.17
C LEU A 399 -13.22 -10.91 13.39
N LEU A 400 -12.23 -10.06 13.13
CA LEU A 400 -11.09 -10.50 12.34
C LEU A 400 -10.24 -11.48 13.13
N PRO A 401 -9.78 -12.55 12.51
CA PRO A 401 -8.89 -13.50 13.22
C PRO A 401 -7.50 -12.93 13.38
N ASP A 402 -6.74 -13.57 14.26
CA ASP A 402 -5.33 -13.22 14.41
C ASP A 402 -4.55 -13.60 13.15
N LYS A 403 -3.49 -12.84 12.88
CA LYS A 403 -2.64 -13.03 11.70
C LYS A 403 -3.47 -12.99 10.42
N ALA A 404 -4.31 -11.96 10.31
CA ALA A 404 -5.15 -11.75 9.13
C ALA A 404 -4.73 -10.47 8.43
N GLY A 405 -4.96 -10.43 7.12
CA GLY A 405 -4.68 -9.24 6.31
C GLY A 405 -5.95 -8.48 6.00
N LEU A 406 -5.86 -7.15 6.08
CA LEU A 406 -6.98 -6.26 5.81
C LEU A 406 -6.52 -5.16 4.87
N PHE A 407 -6.97 -5.22 3.61
CA PHE A 407 -6.76 -4.14 2.66
C PHE A 407 -7.89 -3.13 2.80
N ILE A 408 -7.54 -1.86 2.92
CA ILE A 408 -8.50 -0.79 3.15
C ILE A 408 -8.50 0.11 1.93
N GLY A 409 -9.68 0.33 1.36
CA GLY A 409 -9.79 1.25 0.25
C GLY A 409 -9.64 2.69 0.68
N ASN A 410 -9.40 3.55 -0.31
CA ASN A 410 -9.30 4.98 -0.02
C ASN A 410 -10.69 5.56 0.17
N SER A 411 -10.81 6.88 0.10
CA SER A 411 -12.07 7.60 0.32
C SER A 411 -12.46 7.42 1.79
N MET A 412 -13.73 7.12 2.09
CA MET A 412 -14.21 7.01 3.47
C MET A 412 -13.67 5.79 4.20
N PRO A 413 -13.58 4.59 3.59
CA PRO A 413 -13.11 3.43 4.37
C PRO A 413 -11.81 3.65 5.12
N ILE A 414 -10.82 4.31 4.53
CA ILE A 414 -9.56 4.51 5.24
C ILE A 414 -9.73 5.51 6.38
N ARG A 415 -10.58 6.53 6.19
CA ARG A 415 -10.82 7.51 7.24
C ARG A 415 -11.69 6.95 8.36
N ASP A 416 -12.58 5.99 8.04
CA ASP A 416 -13.39 5.36 9.07
C ASP A 416 -12.57 4.37 9.90
N VAL A 417 -11.52 3.79 9.32
CA VAL A 417 -10.62 2.94 10.10
C VAL A 417 -9.83 3.80 11.08
N ASP A 418 -9.42 4.99 10.65
CA ASP A 418 -8.68 5.89 11.52
C ASP A 418 -9.52 6.34 12.70
N THR A 419 -10.84 6.39 12.56
CA THR A 419 -11.73 6.84 13.61
C THR A 419 -12.28 5.71 14.46
N TYR A 420 -12.61 4.58 13.85
CA TYR A 420 -13.35 3.52 14.53
C TYR A 420 -12.53 2.24 14.74
N PHE A 421 -11.22 2.26 14.49
CA PHE A 421 -10.37 1.10 14.71
C PHE A 421 -9.32 1.46 15.74
N SER A 422 -9.65 1.24 17.01
CA SER A 422 -8.70 1.43 18.09
C SER A 422 -7.67 0.31 18.07
N GLN A 423 -6.63 0.48 18.90
CA GLN A 423 -5.63 -0.56 19.05
C GLN A 423 -6.26 -1.82 19.62
N ILE A 424 -5.94 -2.96 19.03
CA ILE A 424 -6.44 -4.26 19.48
C ILE A 424 -5.26 -5.23 19.56
N ASP A 425 -5.36 -6.16 20.51
CA ASP A 425 -4.31 -7.15 20.73
C ASP A 425 -4.44 -8.33 19.77
N LYS A 426 -4.53 -8.03 18.47
CA LYS A 426 -4.47 -9.02 17.40
C LYS A 426 -3.51 -8.51 16.33
N LYS A 427 -2.96 -9.44 15.56
CA LYS A 427 -2.02 -9.10 14.50
C LYS A 427 -2.78 -8.98 13.18
N ILE A 428 -3.05 -7.74 12.77
CA ILE A 428 -3.79 -7.46 11.54
C ILE A 428 -2.90 -6.63 10.62
N LYS A 429 -2.43 -7.25 9.53
CA LYS A 429 -1.63 -6.55 8.55
C LYS A 429 -2.53 -5.67 7.69
N MET A 430 -2.38 -4.36 7.80
CA MET A 430 -3.23 -3.41 7.11
C MET A 430 -2.48 -2.77 5.95
N LEU A 431 -3.10 -2.79 4.77
CA LEU A 431 -2.51 -2.18 3.59
C LEU A 431 -3.52 -1.22 2.96
N ALA A 432 -2.99 -0.30 2.15
CA ALA A 432 -3.78 0.65 1.39
C ALA A 432 -2.87 1.34 0.39
N ASN A 433 -3.46 1.79 -0.72
CA ASN A 433 -2.72 2.51 -1.75
C ASN A 433 -2.71 3.98 -1.37
N ARG A 434 -1.65 4.40 -0.67
CA ARG A 434 -1.58 5.75 -0.14
C ARG A 434 -0.56 6.62 -0.88
N GLY A 435 -0.09 6.18 -2.04
CA GLY A 435 0.78 7.01 -2.85
C GLY A 435 0.03 8.19 -3.45
N ALA A 436 -0.99 7.88 -4.24
CA ALA A 436 -1.86 8.91 -4.81
C ALA A 436 -3.28 8.83 -4.29
N ASN A 437 -3.60 7.87 -3.41
CA ASN A 437 -4.94 7.73 -2.83
C ASN A 437 -5.99 7.55 -3.92
N GLY A 438 -5.69 6.72 -4.91
CA GLY A 438 -6.62 6.46 -5.99
C GLY A 438 -7.62 5.38 -5.64
N ILE A 439 -8.86 5.57 -6.08
CA ILE A 439 -9.92 4.59 -5.83
C ILE A 439 -9.89 3.52 -6.91
N ASP A 440 -8.87 3.55 -7.76
CA ASP A 440 -8.72 2.60 -8.86
C ASP A 440 -7.77 1.48 -8.48
N GLY A 441 -8.08 0.27 -8.92
CA GLY A 441 -7.21 -0.87 -8.72
C GLY A 441 -7.11 -1.38 -7.30
N VAL A 442 -8.04 -0.97 -6.42
CA VAL A 442 -7.98 -1.40 -5.02
C VAL A 442 -8.31 -2.88 -4.91
N VAL A 443 -9.24 -3.38 -5.73
CA VAL A 443 -9.62 -4.79 -5.67
C VAL A 443 -8.46 -5.67 -6.08
N SER A 444 -7.75 -5.31 -7.16
CA SER A 444 -6.62 -6.10 -7.61
C SER A 444 -5.49 -6.06 -6.60
N SER A 445 -5.20 -4.88 -6.04
CA SER A 445 -4.17 -4.78 -5.02
C SER A 445 -4.46 -5.69 -3.84
N ALA A 446 -5.72 -5.75 -3.41
CA ALA A 446 -6.08 -6.66 -2.33
C ALA A 446 -5.90 -8.11 -2.75
N LEU A 447 -6.24 -8.45 -4.00
CA LEU A 447 -6.07 -9.82 -4.45
C LEU A 447 -4.60 -10.20 -4.55
N GLY A 448 -3.75 -9.27 -4.96
CA GLY A 448 -2.33 -9.54 -4.99
C GLY A 448 -1.77 -9.76 -3.60
N ALA A 449 -2.23 -8.95 -2.64
CA ALA A 449 -1.82 -9.14 -1.25
C ALA A 449 -2.38 -10.43 -0.65
N SER A 450 -3.47 -10.95 -1.20
CA SER A 450 -4.04 -12.21 -0.70
C SER A 450 -3.16 -13.40 -1.04
N VAL A 451 -2.22 -13.25 -1.99
CA VAL A 451 -1.27 -14.32 -2.26
C VAL A 451 -0.34 -14.52 -1.07
N VAL A 452 -0.10 -13.46 -0.30
CA VAL A 452 0.85 -13.52 0.80
C VAL A 452 0.12 -13.75 2.12
N PHE A 453 -0.76 -12.83 2.48
CA PHE A 453 -1.46 -12.89 3.75
C PHE A 453 -2.80 -13.61 3.60
N GLN A 454 -3.11 -14.49 4.55
CA GLN A 454 -4.38 -15.18 4.61
C GLN A 454 -4.78 -15.35 6.07
N PRO A 455 -6.05 -15.14 6.42
CA PRO A 455 -7.17 -14.73 5.55
C PRO A 455 -7.09 -13.26 5.15
N MET A 456 -7.52 -12.91 3.94
CA MET A 456 -7.46 -11.54 3.46
C MET A 456 -8.87 -10.96 3.35
N PHE A 457 -9.03 -9.73 3.82
CA PHE A 457 -10.28 -9.01 3.80
C PHE A 457 -10.07 -7.66 3.14
N LEU A 458 -11.15 -7.11 2.56
CA LEU A 458 -11.08 -5.84 1.85
C LEU A 458 -12.28 -5.00 2.23
N LEU A 459 -12.03 -3.86 2.87
CA LEU A 459 -13.07 -2.88 3.15
C LEU A 459 -13.00 -1.79 2.08
N ILE A 460 -14.07 -1.65 1.31
CA ILE A 460 -14.03 -0.81 0.12
C ILE A 460 -15.39 -0.19 -0.12
N GLY A 461 -15.40 1.04 -0.62
CA GLY A 461 -16.63 1.69 -1.02
C GLY A 461 -17.16 1.17 -2.34
N ASP A 462 -18.38 1.57 -2.66
CA ASP A 462 -19.05 1.04 -3.84
C ASP A 462 -18.43 1.58 -5.13
N LEU A 463 -18.12 2.88 -5.18
CA LEU A 463 -17.53 3.44 -6.39
C LEU A 463 -16.18 2.79 -6.67
N SER A 464 -15.37 2.58 -5.63
CA SER A 464 -14.06 1.96 -5.83
C SER A 464 -14.18 0.51 -6.24
N PHE A 465 -15.18 -0.21 -5.72
CA PHE A 465 -15.38 -1.59 -6.11
C PHE A 465 -15.73 -1.70 -7.59
N TYR A 466 -16.59 -0.81 -8.09
CA TYR A 466 -16.92 -0.82 -9.50
C TYR A 466 -15.70 -0.51 -10.35
N HIS A 467 -14.84 0.41 -9.86
CA HIS A 467 -13.71 0.89 -10.65
C HIS A 467 -12.84 -0.28 -11.11
N ASP A 468 -12.53 -1.20 -10.20
CA ASP A 468 -11.67 -2.33 -10.51
C ASP A 468 -12.42 -3.65 -10.30
N MET A 469 -13.64 -3.69 -10.81
CA MET A 469 -14.42 -4.92 -10.81
C MET A 469 -13.73 -6.02 -11.60
N ASN A 470 -13.02 -5.66 -12.67
CA ASN A 470 -12.34 -6.66 -13.49
C ASN A 470 -11.31 -7.45 -12.70
N GLY A 471 -10.74 -6.88 -11.64
CA GLY A 471 -9.83 -7.62 -10.79
C GLY A 471 -10.38 -8.96 -10.34
N LEU A 472 -11.69 -9.02 -10.10
CA LEU A 472 -12.32 -10.24 -9.61
C LEU A 472 -12.15 -11.42 -10.57
N LEU A 473 -11.88 -11.18 -11.85
CA LEU A 473 -11.60 -12.27 -12.77
C LEU A 473 -10.39 -13.08 -12.33
N MET A 474 -9.40 -12.41 -11.72
CA MET A 474 -8.25 -13.12 -11.17
C MET A 474 -8.68 -14.03 -10.02
N ALA A 475 -9.63 -13.58 -9.20
CA ALA A 475 -10.12 -14.41 -8.11
C ALA A 475 -10.89 -15.61 -8.63
N LYS A 476 -11.58 -15.46 -9.77
CA LYS A 476 -12.40 -16.55 -10.30
C LYS A 476 -11.54 -17.62 -10.95
N LYS A 477 -10.54 -17.21 -11.74
CA LYS A 477 -9.77 -18.19 -12.49
C LYS A 477 -8.62 -18.79 -11.68
N TYR A 478 -8.22 -18.15 -10.58
CA TYR A 478 -7.14 -18.66 -9.75
C TYR A 478 -7.61 -19.15 -8.39
N LYS A 479 -8.94 -19.23 -8.18
CA LYS A 479 -9.51 -19.78 -6.95
C LYS A 479 -8.94 -19.09 -5.72
N MET A 480 -8.89 -17.76 -5.77
CA MET A 480 -8.29 -16.98 -4.71
C MET A 480 -9.28 -16.75 -3.57
N ASN A 481 -8.75 -16.55 -2.36
CA ASN A 481 -9.56 -16.38 -1.16
C ASN A 481 -9.48 -14.94 -0.70
N LEU A 482 -10.61 -14.24 -0.80
CA LEU A 482 -10.70 -12.85 -0.36
C LEU A 482 -12.13 -12.55 0.02
N THR A 483 -12.32 -11.89 1.16
CA THR A 483 -13.64 -11.50 1.65
C THR A 483 -13.77 -10.00 1.51
N ILE A 484 -14.67 -9.56 0.63
CA ILE A 484 -14.82 -8.14 0.30
C ILE A 484 -16.07 -7.62 0.99
N VAL A 485 -15.90 -6.60 1.81
CA VAL A 485 -17.02 -5.90 2.44
C VAL A 485 -17.21 -4.59 1.69
N ILE A 486 -18.33 -4.46 1.00
CA ILE A 486 -18.64 -3.28 0.21
C ILE A 486 -19.54 -2.37 1.04
N VAL A 487 -19.04 -1.17 1.34
CA VAL A 487 -19.85 -0.16 2.04
C VAL A 487 -20.56 0.62 0.94
N ASN A 488 -21.65 0.04 0.46
CA ASN A 488 -22.40 0.65 -0.65
C ASN A 488 -23.30 1.75 -0.09
N ASN A 489 -22.84 2.98 -0.14
CA ASN A 489 -23.68 4.15 0.13
C ASN A 489 -24.19 4.78 -1.16
N ASP A 490 -23.97 4.12 -2.30
CA ASP A 490 -24.50 4.52 -3.60
C ASP A 490 -24.02 5.92 -3.99
N GLY A 491 -22.71 6.04 -4.15
CA GLY A 491 -22.10 7.27 -4.57
C GLY A 491 -20.82 7.53 -3.78
N GLY A 492 -20.39 8.78 -3.82
CA GLY A 492 -19.22 9.20 -3.07
C GLY A 492 -19.56 9.86 -1.75
N GLY A 493 -19.53 9.09 -0.66
CA GLY A 493 -19.79 9.61 0.66
C GLY A 493 -18.73 10.55 1.19
N ILE A 494 -17.53 10.54 0.60
CA ILE A 494 -16.49 11.47 1.01
C ILE A 494 -16.88 12.91 0.75
N PHE A 495 -17.80 13.17 -0.19
CA PHE A 495 -18.17 14.52 -0.56
C PHE A 495 -19.31 15.09 0.27
N SER A 496 -19.87 14.32 1.20
CA SER A 496 -20.85 14.88 2.12
C SER A 496 -20.20 15.70 3.23
N PHE A 497 -18.94 15.42 3.55
CA PHE A 497 -18.23 16.19 4.58
C PHE A 497 -17.63 17.47 4.01
N LEU A 498 -17.08 17.39 2.81
CA LEU A 498 -16.42 18.53 2.19
C LEU A 498 -17.45 19.62 1.89
N PRO A 499 -17.00 20.90 1.79
CA PRO A 499 -17.96 22.01 1.77
C PRO A 499 -18.76 22.14 0.47
N GLN A 500 -18.66 21.18 -0.43
CA GLN A 500 -19.43 21.21 -1.67
C GLN A 500 -20.82 20.60 -1.52
N ALA A 501 -21.15 20.04 -0.36
CA ALA A 501 -22.43 19.39 -0.15
C ALA A 501 -23.55 20.36 0.20
N ASN A 502 -23.24 21.65 0.39
CA ASN A 502 -24.27 22.63 0.71
C ASN A 502 -24.92 23.24 -0.52
N GLU A 503 -24.28 23.15 -1.69
CA GLU A 503 -24.91 23.54 -2.95
C GLU A 503 -25.60 22.33 -3.56
N PRO A 504 -26.93 22.25 -3.52
CA PRO A 504 -27.62 21.07 -4.03
C PRO A 504 -27.94 21.08 -5.52
N LYS A 505 -27.59 22.16 -6.23
CA LYS A 505 -27.99 22.28 -7.63
C LYS A 505 -27.27 21.25 -8.49
N TYR A 506 -25.94 21.18 -8.40
CA TYR A 506 -25.15 20.26 -9.20
C TYR A 506 -24.53 19.13 -8.38
N PHE A 507 -24.81 19.07 -7.07
CA PHE A 507 -24.44 17.89 -6.31
C PHE A 507 -25.25 16.69 -6.79
N GLU A 508 -24.83 15.50 -6.36
CA GLU A 508 -25.40 14.20 -6.74
C GLU A 508 -25.19 13.88 -8.21
N SER A 509 -24.65 14.79 -9.00
CA SER A 509 -24.25 14.51 -10.37
C SER A 509 -22.75 14.65 -10.59
N LEU A 510 -22.10 15.58 -9.90
CA LEU A 510 -20.66 15.79 -10.02
C LEU A 510 -19.87 15.12 -8.91
N PHE A 511 -20.47 14.92 -7.72
CA PHE A 511 -19.74 14.37 -6.58
C PHE A 511 -20.40 13.09 -6.09
N GLY A 512 -21.61 13.14 -5.54
CA GLY A 512 -22.29 11.93 -5.14
C GLY A 512 -22.87 11.20 -6.32
N THR A 513 -22.04 10.49 -7.08
CA THR A 513 -22.46 9.86 -8.32
C THR A 513 -23.20 8.56 -8.00
N SER A 514 -24.53 8.61 -8.01
CA SER A 514 -25.31 7.41 -7.78
C SER A 514 -25.17 6.46 -8.96
N THR A 515 -24.97 5.18 -8.66
CA THR A 515 -24.82 4.15 -9.68
C THR A 515 -26.03 3.23 -9.80
N GLU A 516 -26.74 2.98 -8.70
CA GLU A 516 -27.89 2.07 -8.68
C GLU A 516 -27.53 0.69 -9.24
N LEU A 517 -26.31 0.25 -8.95
CA LEU A 517 -25.82 -1.05 -9.38
C LEU A 517 -26.17 -2.11 -8.34
N ASP A 518 -26.81 -3.19 -8.78
CA ASP A 518 -27.15 -4.30 -7.89
C ASP A 518 -25.95 -5.24 -7.88
N PHE A 519 -25.07 -5.06 -6.89
CA PHE A 519 -23.82 -5.83 -6.84
C PHE A 519 -24.04 -7.33 -6.66
N ARG A 520 -25.27 -7.75 -6.38
CA ARG A 520 -25.56 -9.18 -6.36
C ARG A 520 -25.28 -9.81 -7.72
N PHE A 521 -25.58 -9.10 -8.80
CA PHE A 521 -25.30 -9.62 -10.14
C PHE A 521 -23.81 -9.67 -10.41
N ALA A 522 -23.07 -8.66 -9.94
CA ALA A 522 -21.61 -8.68 -10.12
C ALA A 522 -20.99 -9.83 -9.34
N ALA A 523 -21.52 -10.12 -8.14
CA ALA A 523 -21.03 -11.26 -7.38
C ALA A 523 -21.31 -12.58 -8.09
N ALA A 524 -22.43 -12.68 -8.81
CA ALA A 524 -22.70 -13.89 -9.58
C ALA A 524 -21.80 -13.98 -10.80
N PHE A 525 -21.42 -12.84 -11.38
CA PHE A 525 -20.59 -12.86 -12.59
C PHE A 525 -19.22 -13.47 -12.29
N TYR A 526 -18.76 -13.36 -11.06
CA TYR A 526 -17.41 -13.78 -10.69
C TYR A 526 -17.41 -14.95 -9.71
N ASP A 527 -18.47 -15.76 -9.71
CA ASP A 527 -18.53 -17.00 -8.93
C ASP A 527 -18.24 -16.75 -7.44
N ALA A 528 -18.83 -15.71 -6.88
CA ALA A 528 -18.57 -15.30 -5.52
C ALA A 528 -19.80 -15.53 -4.65
N ASP A 529 -19.58 -15.96 -3.41
CA ASP A 529 -20.69 -16.04 -2.46
C ASP A 529 -21.08 -14.63 -2.04
N TYR A 530 -22.36 -14.30 -2.17
CA TYR A 530 -22.86 -12.96 -1.88
C TYR A 530 -23.74 -12.99 -0.63
N HIS A 531 -23.55 -11.99 0.23
CA HIS A 531 -24.37 -11.81 1.42
C HIS A 531 -24.72 -10.33 1.56
N GLU A 532 -25.98 -10.03 1.81
CA GLU A 532 -26.39 -8.67 2.12
C GLU A 532 -26.63 -8.59 3.63
N ALA A 533 -25.79 -7.82 4.32
CA ALA A 533 -25.88 -7.66 5.76
C ALA A 533 -26.75 -6.45 6.07
N LYS A 534 -27.91 -6.70 6.68
CA LYS A 534 -28.82 -5.63 7.05
C LYS A 534 -28.79 -5.31 8.54
N SER A 535 -28.36 -6.25 9.37
CA SER A 535 -28.28 -6.09 10.81
C SER A 535 -26.89 -6.48 11.28
N VAL A 536 -26.63 -6.28 12.57
CA VAL A 536 -25.33 -6.64 13.12
C VAL A 536 -25.16 -8.16 13.14
N ASP A 537 -26.24 -8.89 13.50
CA ASP A 537 -26.17 -10.35 13.51
C ASP A 537 -25.98 -10.91 12.11
N GLU A 538 -26.54 -10.26 11.08
CA GLU A 538 -26.33 -10.73 9.72
C GLU A 538 -24.90 -10.51 9.26
N LEU A 539 -24.32 -9.35 9.59
CA LEU A 539 -22.93 -9.09 9.22
C LEU A 539 -21.99 -10.08 9.88
N GLU A 540 -22.27 -10.44 11.14
CA GLU A 540 -21.49 -11.48 11.80
C GLU A 540 -21.60 -12.79 11.03
N GLU A 541 -22.81 -13.32 10.89
CA GLU A 541 -23.02 -14.60 10.19
C GLU A 541 -22.31 -14.64 8.85
N ALA A 542 -22.30 -13.52 8.11
CA ALA A 542 -21.62 -13.49 6.83
C ALA A 542 -20.10 -13.62 6.99
N ILE A 543 -19.52 -12.89 7.95
CA ILE A 543 -18.08 -12.98 8.19
C ILE A 543 -17.70 -14.41 8.60
N ASP A 544 -18.48 -15.01 9.50
CA ASP A 544 -18.21 -16.38 9.91
C ASP A 544 -18.34 -17.35 8.75
N LYS A 545 -19.28 -17.11 7.82
CA LYS A 545 -19.37 -17.95 6.63
C LYS A 545 -18.15 -17.78 5.74
N ALA A 546 -17.58 -16.57 5.68
CA ALA A 546 -16.46 -16.31 4.79
C ALA A 546 -15.21 -17.08 5.20
N SER A 547 -15.04 -17.35 6.50
CA SER A 547 -13.89 -18.13 6.93
C SER A 547 -14.03 -19.60 6.57
N TYR A 548 -15.26 -20.11 6.56
CA TYR A 548 -15.52 -21.49 6.16
C TYR A 548 -15.62 -21.64 4.64
N HIS A 549 -15.52 -20.55 3.88
CA HIS A 549 -15.52 -20.59 2.43
C HIS A 549 -14.12 -20.24 1.95
N LYS A 550 -13.43 -21.21 1.35
CA LYS A 550 -12.13 -20.95 0.73
C LYS A 550 -12.39 -20.48 -0.69
N GLY A 551 -12.59 -19.17 -0.82
CA GLY A 551 -12.93 -18.59 -2.11
C GLY A 551 -13.24 -17.11 -1.97
N LEU A 552 -14.00 -16.60 -2.93
CA LEU A 552 -14.34 -15.19 -2.98
C LEU A 552 -15.70 -14.94 -2.36
N ASP A 553 -15.74 -14.01 -1.40
CA ASP A 553 -16.96 -13.62 -0.71
C ASP A 553 -17.18 -12.12 -0.86
N ILE A 554 -18.44 -11.73 -0.95
CA ILE A 554 -18.80 -10.31 -1.10
C ILE A 554 -19.93 -10.01 -0.14
N ILE A 555 -19.68 -9.13 0.82
CA ILE A 555 -20.64 -8.77 1.86
C ILE A 555 -20.99 -7.30 1.68
N GLU A 556 -22.16 -7.03 1.12
CA GLU A 556 -22.60 -5.67 0.86
C GLU A 556 -23.42 -5.15 2.04
N VAL A 557 -23.13 -3.92 2.45
CA VAL A 557 -23.86 -3.24 3.51
C VAL A 557 -24.31 -1.90 2.95
N LYS A 558 -25.62 -1.75 2.72
CA LYS A 558 -26.15 -0.50 2.20
C LYS A 558 -26.25 0.52 3.33
N THR A 559 -25.61 1.66 3.16
CA THR A 559 -25.64 2.74 4.14
C THR A 559 -26.19 4.01 3.48
N ASN A 560 -26.45 5.01 4.32
CA ASN A 560 -27.03 6.27 3.88
C ASN A 560 -25.94 7.33 3.82
N ARG A 561 -25.72 7.88 2.62
CA ARG A 561 -24.68 8.89 2.44
C ARG A 561 -25.02 10.17 3.21
N HIS A 562 -26.29 10.57 3.18
CA HIS A 562 -26.72 11.83 3.76
C HIS A 562 -26.86 11.80 5.27
N GLU A 563 -26.58 10.65 5.91
CA GLU A 563 -26.59 10.56 7.36
C GLU A 563 -25.19 10.37 7.95
N ASN A 564 -24.17 10.25 7.11
CA ASN A 564 -22.81 10.05 7.62
C ASN A 564 -22.33 11.28 8.39
N LYS A 565 -22.46 12.45 7.80
CA LYS A 565 -21.96 13.67 8.44
C LYS A 565 -22.57 13.84 9.83
N ALA A 566 -23.87 13.63 9.96
CA ALA A 566 -24.50 13.81 11.27
C ALA A 566 -24.01 12.78 12.28
N ASN A 567 -23.82 11.53 11.84
CA ASN A 567 -23.34 10.50 12.77
C ASN A 567 -21.92 10.80 13.23
N HIS A 568 -21.04 11.20 12.32
CA HIS A 568 -19.65 11.48 12.70
C HIS A 568 -19.56 12.72 13.58
N GLN A 569 -20.38 13.74 13.28
CA GLN A 569 -20.30 14.96 14.07
C GLN A 569 -20.94 14.80 15.45
N ALA A 570 -21.93 13.91 15.57
CA ALA A 570 -22.49 13.62 16.88
C ALA A 570 -21.46 12.92 17.77
N LEU A 571 -20.74 11.95 17.22
CA LEU A 571 -19.70 11.26 17.98
C LEU A 571 -18.57 12.22 18.36
N TRP A 572 -18.10 13.02 17.41
CA TRP A 572 -17.02 13.96 17.70
C TRP A 572 -17.42 14.98 18.75
N ALA A 573 -18.69 15.38 18.78
CA ALA A 573 -19.14 16.34 19.79
C ALA A 573 -19.15 15.70 21.18
N LYS A 574 -19.64 14.47 21.30
CA LYS A 574 -19.65 13.80 22.60
C LYS A 574 -18.23 13.60 23.13
N ILE A 575 -17.28 13.38 22.23
CA ILE A 575 -15.89 13.23 22.66
C ILE A 575 -15.33 14.58 23.12
N ALA A 576 -15.61 15.65 22.36
CA ALA A 576 -15.07 16.96 22.71
C ALA A 576 -15.65 17.44 24.04
N ASP A 577 -16.93 17.18 24.29
CA ASP A 577 -17.54 17.62 25.54
C ASP A 577 -16.90 16.92 26.75
N ALA A 578 -16.69 15.61 26.65
CA ALA A 578 -16.10 14.88 27.77
C ALA A 578 -14.66 15.31 28.01
N LEU A 579 -13.88 15.48 26.95
CA LEU A 579 -12.47 15.84 27.09
C LEU A 579 -12.29 17.29 27.50
N LYS A 580 -13.28 18.16 27.22
CA LYS A 580 -13.21 19.53 27.70
C LYS A 580 -13.32 19.60 29.21
N ALA A 581 -14.14 18.74 29.81
CA ALA A 581 -14.36 18.73 31.24
C ALA A 581 -13.21 18.10 32.02
N LEU A 582 -12.31 17.39 31.35
CA LEU A 582 -11.19 16.75 32.04
C LEU A 582 -10.20 17.80 32.55
N ASN A 583 -9.69 17.57 33.74
CA ASN A 583 -8.71 18.46 34.35
C ASN A 583 -7.31 18.12 33.85
#